data_4HOC
#
_entry.id   4HOC
#
_cell.length_a   156.308
_cell.length_b   70.309
_cell.length_c   89.374
_cell.angle_alpha   90.000
_cell.angle_beta   124.850
_cell.angle_gamma   90.000
#
_symmetry.space_group_name_H-M   'C 1 2 1'
#
loop_
_entity.id
_entity.type
_entity.pdbx_description
1 polymer 'Glucose-1-phosphate thymidylyltransferase'
2 non-polymer URIDINE-DIPHOSPHATE-N-ACETYLGLUCOSAMINE
3 non-polymer 'SULFATE ION'
4 water water
#
_entity_poly.entity_id   1
_entity_poly.type   'polypeptide(L)'
_entity_poly.pdbx_seq_one_letter_code
;MKGIILSGGSGTRLYPLTKVVSKQLLPVYDKPMVYYPLSVLMLAGIKDILIISTPEDTPRFEQLLGGGSELGISLSYAVQ
SSPDGLAQAFIIGEEFIGDDNVALVLGDNIFYGHGFTELLQRAANRKSGATIFGYNVKDPQRFGVVEFDEKGKVISIEEK
PEEPKSSYAVTGLYFYDNRVVDIAKNITPSARGELEITDVNKAYLELGELHVELLGRGFAWLDTGTHESLLQASQFIETI
EKRQSLKVACLEEIAYRMGYISREQLIKLAEPLMKNEYGQYLMNLAHRSKDLVTVEG
;
_entity_poly.pdbx_strand_id   A,B
#
loop_
_chem_comp.id
_chem_comp.type
_chem_comp.name
_chem_comp.formula
SO4 non-polymer 'SULFATE ION' 'O4 S -2'
UD1 non-polymer URIDINE-DIPHOSPHATE-N-ACETYLGLUCOSAMINE 'C17 H27 N3 O17 P2'
#
# COMPACT_ATOMS: atom_id res chain seq x y z
N MET A 1 27.80 -0.13 -17.30
CA MET A 1 27.50 0.42 -15.97
C MET A 1 26.47 -0.47 -15.21
N LYS A 2 26.70 -0.68 -13.93
CA LYS A 2 25.80 -1.40 -13.09
C LYS A 2 24.94 -0.42 -12.32
N GLY A 3 23.90 -0.92 -11.68
CA GLY A 3 23.10 -0.07 -10.80
C GLY A 3 22.87 -0.71 -9.46
N ILE A 4 22.61 0.11 -8.47
CA ILE A 4 22.24 -0.41 -7.17
C ILE A 4 21.00 0.30 -6.67
N ILE A 5 20.01 -0.45 -6.22
CA ILE A 5 18.88 0.15 -5.50
C ILE A 5 19.04 -0.03 -4.00
N LEU A 6 19.16 1.07 -3.28
CA LEU A 6 19.25 0.95 -1.84
C LEU A 6 17.88 1.11 -1.22
N SER A 7 17.32 0.00 -0.78
CA SER A 7 15.88 -0.08 -0.56
C SER A 7 15.61 -0.66 0.80
N GLY A 8 16.42 -0.27 1.78
CA GLY A 8 16.27 -0.78 3.11
C GLY A 8 15.57 0.21 3.99
N GLY A 9 16.07 0.34 5.21
CA GLY A 9 15.70 1.47 6.09
C GLY A 9 14.64 1.03 7.05
N SER A 10 14.30 1.91 8.00
CA SER A 10 13.15 1.65 8.86
C SER A 10 11.82 2.12 8.25
N GLY A 11 10.72 1.53 8.71
CA GLY A 11 9.40 1.97 8.32
C GLY A 11 8.87 3.20 9.05
N THR A 12 9.60 3.67 10.09
CA THR A 12 8.95 4.39 11.26
C THR A 12 7.88 5.40 10.89
N ARG A 13 8.29 6.41 10.14
CA ARG A 13 7.44 7.55 9.84
C ARG A 13 6.13 7.10 9.14
N LEU A 14 6.18 5.97 8.43
CA LEU A 14 4.98 5.47 7.75
C LEU A 14 4.15 4.45 8.59
N TYR A 15 4.60 4.19 9.82
CA TYR A 15 3.81 3.36 10.75
C TYR A 15 2.35 3.92 10.84
N PRO A 16 1.31 3.02 10.82
CA PRO A 16 1.36 1.57 10.90
C PRO A 16 1.46 0.87 9.57
N LEU A 17 1.51 1.62 8.45
CA LEU A 17 1.62 0.97 7.12
C LEU A 17 2.83 0.03 7.03
N THR A 18 3.90 0.44 7.63
CA THR A 18 5.11 -0.30 7.56
C THR A 18 5.31 -1.29 8.71
N LYS A 19 4.32 -1.46 9.59
CA LYS A 19 4.46 -2.48 10.64
C LYS A 19 4.77 -3.90 10.08
N VAL A 20 4.01 -4.36 9.09
CA VAL A 20 4.26 -5.71 8.55
C VAL A 20 4.54 -5.72 7.04
N VAL A 21 4.69 -4.52 6.47
CA VAL A 21 4.98 -4.38 5.05
C VAL A 21 6.18 -3.45 4.83
N SER A 22 7.11 -3.86 3.97
CA SER A 22 8.26 -2.97 3.62
C SER A 22 7.82 -1.70 2.93
N LYS A 23 8.34 -0.59 3.37
CA LYS A 23 8.09 0.71 2.73
C LYS A 23 8.08 0.65 1.17
N GLN A 24 9.12 0.04 0.60
CA GLN A 24 9.32 0.10 -0.83
C GLN A 24 8.49 -0.97 -1.55
N LEU A 25 7.63 -1.64 -0.78
CA LEU A 25 6.58 -2.49 -1.32
C LEU A 25 5.18 -1.89 -1.26
N LEU A 26 5.04 -0.72 -0.60
CA LEU A 26 3.77 0.00 -0.57
C LEU A 26 3.37 0.51 -1.96
N PRO A 27 2.06 0.54 -2.26
CA PRO A 27 1.56 1.06 -3.54
C PRO A 27 1.91 2.51 -3.74
N VAL A 28 2.36 2.82 -4.94
CA VAL A 28 2.28 4.17 -5.41
C VAL A 28 1.37 4.12 -6.61
N TYR A 29 0.15 4.55 -6.41
CA TYR A 29 -0.95 4.25 -7.28
C TYR A 29 -1.11 2.77 -7.54
N ASP A 30 -0.62 2.27 -8.69
CA ASP A 30 -0.88 0.84 -9.08
C ASP A 30 0.37 -0.08 -9.04
N LYS A 31 1.48 0.42 -8.53
CA LYS A 31 2.69 -0.38 -8.50
C LYS A 31 3.40 -0.26 -7.20
N PRO A 32 4.14 -1.30 -6.82
CA PRO A 32 4.97 -1.24 -5.67
C PRO A 32 6.00 -0.13 -5.82
N MET A 33 6.34 0.50 -4.72
CA MET A 33 7.12 1.72 -4.77
C MET A 33 8.44 1.48 -5.50
N VAL A 34 8.98 0.28 -5.32
CA VAL A 34 10.31 -0.05 -5.85
C VAL A 34 10.34 -0.12 -7.39
N TYR A 35 9.18 -0.23 -8.00
CA TYR A 35 9.13 -0.20 -9.48
C TYR A 35 9.72 1.11 -10.01
N TYR A 36 9.50 2.20 -9.27
CA TYR A 36 9.78 3.49 -9.80
C TYR A 36 11.31 3.73 -9.97
N PRO A 37 12.09 3.62 -8.87
CA PRO A 37 13.57 3.69 -9.05
C PRO A 37 14.13 2.57 -9.92
N LEU A 38 13.56 1.35 -9.86
CA LEU A 38 14.04 0.32 -10.78
C LEU A 38 13.90 0.81 -12.20
N SER A 39 12.77 1.47 -12.51
CA SER A 39 12.48 1.90 -13.90
C SER A 39 13.47 2.98 -14.34
N VAL A 40 14.02 3.70 -13.38
CA VAL A 40 14.94 4.74 -13.69
C VAL A 40 16.30 4.14 -14.04
N LEU A 41 16.72 3.10 -13.32
CA LEU A 41 17.90 2.33 -13.77
C LEU A 41 17.70 1.74 -15.18
N MET A 42 16.56 1.13 -15.43
CA MET A 42 16.30 0.54 -16.73
C MET A 42 16.36 1.59 -17.85
N LEU A 43 15.76 2.76 -17.62
CA LEU A 43 15.69 3.80 -18.64
C LEU A 43 17.06 4.38 -18.92
N ALA A 44 17.93 4.30 -17.94
CA ALA A 44 19.32 4.71 -18.10
C ALA A 44 20.09 3.75 -19.02
N GLY A 45 19.57 2.55 -19.23
CA GLY A 45 20.29 1.55 -20.02
C GLY A 45 21.07 0.57 -19.16
N ILE A 46 20.82 0.58 -17.86
CA ILE A 46 21.51 -0.27 -16.92
C ILE A 46 20.77 -1.60 -16.80
N LYS A 47 21.50 -2.71 -16.94
CA LYS A 47 20.84 -4.03 -17.05
C LYS A 47 21.35 -5.02 -16.03
N ASP A 48 22.30 -4.59 -15.22
CA ASP A 48 22.85 -5.45 -14.21
C ASP A 48 22.70 -4.70 -12.88
N ILE A 49 21.80 -5.18 -12.03
CA ILE A 49 21.28 -4.38 -10.93
C ILE A 49 21.27 -5.16 -9.63
N LEU A 50 21.81 -4.56 -8.58
CA LEU A 50 21.76 -5.14 -7.22
C LEU A 50 20.74 -4.40 -6.35
N ILE A 51 19.85 -5.15 -5.71
CA ILE A 51 18.89 -4.59 -4.80
C ILE A 51 19.31 -4.89 -3.33
N ILE A 52 19.58 -3.85 -2.56
CA ILE A 52 19.98 -4.02 -1.22
C ILE A 52 18.84 -3.61 -0.30
N SER A 53 18.50 -4.50 0.62
CA SER A 53 17.45 -4.22 1.57
C SER A 53 17.80 -4.83 2.91
N THR A 54 16.87 -4.75 3.86
CA THR A 54 17.09 -5.34 5.20
C THR A 54 17.03 -6.86 5.17
N PRO A 55 17.54 -7.52 6.24
CA PRO A 55 17.54 -8.99 6.19
C PRO A 55 16.11 -9.54 6.14
N GLU A 56 15.22 -8.88 6.84
CA GLU A 56 13.76 -9.12 6.78
C GLU A 56 13.14 -8.91 5.36
N ASP A 57 13.42 -7.77 4.74
CA ASP A 57 12.63 -7.36 3.54
C ASP A 57 13.20 -7.95 2.22
N THR A 58 14.48 -8.31 2.22
CA THR A 58 15.19 -8.64 0.97
C THR A 58 14.63 -9.89 0.27
N PRO A 59 14.19 -10.91 1.05
CA PRO A 59 13.47 -12.02 0.39
C PRO A 59 12.13 -11.63 -0.28
N ARG A 60 11.45 -10.61 0.24
CA ARG A 60 10.20 -10.12 -0.33
C ARG A 60 10.40 -9.47 -1.70
N PHE A 61 11.45 -8.67 -1.81
CA PHE A 61 11.85 -8.02 -3.11
C PHE A 61 12.23 -9.05 -4.17
N GLU A 62 12.97 -10.09 -3.73
CA GLU A 62 13.32 -11.20 -4.60
C GLU A 62 12.06 -11.91 -5.07
N GLN A 63 11.16 -12.19 -4.13
CA GLN A 63 9.83 -12.71 -4.48
C GLN A 63 9.09 -11.82 -5.50
N LEU A 64 9.13 -10.49 -5.32
CA LEU A 64 8.43 -9.58 -6.26
C LEU A 64 9.05 -9.61 -7.67
N LEU A 65 10.38 -9.55 -7.74
CA LEU A 65 11.08 -9.23 -8.96
C LEU A 65 11.88 -10.41 -9.51
N GLY A 66 12.27 -11.34 -8.63
CA GLY A 66 13.14 -12.48 -9.01
C GLY A 66 14.48 -12.08 -9.58
N GLY A 67 14.95 -12.85 -10.57
CA GLY A 67 16.29 -12.61 -11.19
C GLY A 67 16.24 -11.66 -12.40
N GLY A 68 15.04 -11.23 -12.78
CA GLY A 68 14.92 -10.13 -13.75
C GLY A 68 14.78 -10.55 -15.20
N SER A 69 14.85 -11.86 -15.46
CA SER A 69 14.90 -12.32 -16.86
C SER A 69 13.63 -11.99 -17.65
N GLU A 70 12.49 -11.93 -17.00
CA GLU A 70 11.30 -11.60 -17.73
C GLU A 70 11.21 -10.15 -18.20
N LEU A 71 12.12 -9.31 -17.70
CA LEU A 71 12.29 -7.92 -18.15
C LEU A 71 13.53 -7.76 -19.01
N GLY A 72 14.27 -8.86 -19.17
CA GLY A 72 15.55 -8.82 -19.93
C GLY A 72 16.73 -8.19 -19.21
N ILE A 73 16.72 -8.25 -17.89
CA ILE A 73 17.81 -7.63 -17.11
C ILE A 73 18.27 -8.64 -16.08
N SER A 74 19.32 -8.32 -15.32
CA SER A 74 19.74 -9.19 -14.20
C SER A 74 19.59 -8.51 -12.87
N LEU A 75 18.88 -9.17 -11.95
CA LEU A 75 18.74 -8.64 -10.62
C LEU A 75 19.42 -9.56 -9.65
N SER A 76 20.17 -8.98 -8.72
CA SER A 76 20.77 -9.68 -7.59
C SER A 76 20.36 -8.94 -6.35
N TYR A 77 20.66 -9.55 -5.19
CA TYR A 77 20.11 -9.12 -3.90
C TYR A 77 21.23 -9.20 -2.84
N ALA A 78 21.30 -8.23 -1.94
CA ALA A 78 22.14 -8.39 -0.75
C ALA A 78 21.49 -7.70 0.36
N VAL A 79 22.09 -7.83 1.55
CA VAL A 79 21.44 -7.49 2.79
C VAL A 79 22.21 -6.36 3.47
N GLN A 80 21.50 -5.32 3.88
CA GLN A 80 22.09 -4.34 4.76
C GLN A 80 21.68 -4.60 6.21
N SER A 81 22.61 -5.17 6.98
CA SER A 81 22.35 -5.60 8.36
C SER A 81 21.75 -4.47 9.14
N SER A 82 22.25 -3.26 8.89
CA SER A 82 21.84 -2.09 9.63
C SER A 82 22.03 -0.87 8.76
N PRO A 83 21.19 0.16 8.95
CA PRO A 83 21.18 1.30 8.05
C PRO A 83 22.23 2.35 8.41
N ASP A 84 23.50 2.01 8.16
CA ASP A 84 24.63 2.84 8.59
C ASP A 84 25.13 3.74 7.46
N GLY A 85 24.22 4.14 6.56
CA GLY A 85 24.54 5.11 5.52
C GLY A 85 24.45 4.65 4.06
N LEU A 86 24.10 5.58 3.20
CA LEU A 86 24.01 5.34 1.76
C LEU A 86 25.34 4.81 1.14
N ALA A 87 26.47 5.37 1.57
CA ALA A 87 27.78 4.95 1.04
C ALA A 87 28.12 3.49 1.31
N GLN A 88 27.38 2.88 2.21
CA GLN A 88 27.60 1.47 2.50
C GLN A 88 27.21 0.62 1.29
N ALA A 89 26.36 1.16 0.43
CA ALA A 89 25.92 0.42 -0.78
C ALA A 89 27.11 -0.06 -1.61
N PHE A 90 28.16 0.78 -1.64
CA PHE A 90 29.38 0.50 -2.39
C PHE A 90 30.32 -0.47 -1.69
N ILE A 91 30.24 -0.54 -0.37
CA ILE A 91 30.98 -1.61 0.38
C ILE A 91 30.29 -2.95 0.27
N ILE A 92 29.01 -2.98 0.59
CA ILE A 92 28.21 -4.17 0.37
C ILE A 92 28.27 -4.57 -1.09
N GLY A 93 28.15 -3.60 -2.01
CA GLY A 93 28.13 -3.93 -3.45
C GLY A 93 29.52 -4.04 -4.13
N GLU A 94 30.57 -4.00 -3.33
CA GLU A 94 31.94 -4.02 -3.88
C GLU A 94 32.20 -5.13 -4.90
N GLU A 95 31.93 -6.39 -4.52
CA GLU A 95 32.13 -7.51 -5.43
C GLU A 95 31.18 -7.49 -6.66
N PHE A 96 29.91 -7.18 -6.43
CA PHE A 96 28.98 -6.94 -7.53
C PHE A 96 29.52 -5.88 -8.51
N ILE A 97 30.00 -4.76 -7.98
CA ILE A 97 30.48 -3.66 -8.84
C ILE A 97 31.72 -4.06 -9.66
N GLY A 98 32.66 -4.78 -9.05
CA GLY A 98 33.90 -5.18 -9.78
C GLY A 98 34.70 -3.95 -10.22
N ASP A 99 35.02 -3.88 -11.51
CA ASP A 99 35.76 -2.74 -12.10
C ASP A 99 34.82 -1.72 -12.75
N ASP A 100 33.52 -1.98 -12.68
CA ASP A 100 32.56 -1.25 -13.52
C ASP A 100 32.23 0.13 -12.92
N ASN A 101 31.72 1.05 -13.75
CA ASN A 101 30.99 2.23 -13.26
C ASN A 101 29.64 1.77 -12.65
N VAL A 102 29.03 2.61 -11.82
CA VAL A 102 27.83 2.18 -11.09
C VAL A 102 26.95 3.38 -10.71
N ALA A 103 25.62 3.23 -10.91
CA ALA A 103 24.66 4.19 -10.41
C ALA A 103 23.96 3.69 -9.15
N LEU A 104 23.69 4.60 -8.22
CA LEU A 104 22.92 4.29 -7.03
C LEU A 104 21.63 5.09 -7.09
N VAL A 105 20.49 4.40 -6.88
CA VAL A 105 19.20 5.08 -6.71
C VAL A 105 18.53 4.64 -5.41
N LEU A 106 17.88 5.57 -4.73
CA LEU A 106 17.19 5.19 -3.46
C LEU A 106 15.83 4.56 -3.73
N GLY A 107 15.53 3.47 -3.03
CA GLY A 107 14.30 2.72 -3.24
C GLY A 107 12.99 3.52 -3.04
N ASP A 108 13.08 4.68 -2.42
CA ASP A 108 11.87 5.49 -2.19
C ASP A 108 11.83 6.77 -3.03
N ASN A 109 12.73 6.87 -4.00
CA ASN A 109 12.76 8.04 -4.83
C ASN A 109 11.92 7.86 -6.09
N ILE A 110 11.22 8.94 -6.47
CA ILE A 110 10.37 8.88 -7.62
C ILE A 110 10.65 10.06 -8.56
N PHE A 111 11.08 9.77 -9.77
CA PHE A 111 11.46 10.79 -10.73
C PHE A 111 10.53 10.73 -11.90
N TYR A 112 10.19 11.91 -12.44
CA TYR A 112 9.42 11.95 -13.68
C TYR A 112 9.61 13.25 -14.44
N GLY A 113 9.75 13.15 -15.75
CA GLY A 113 9.75 14.35 -16.63
C GLY A 113 10.10 13.99 -18.07
N HIS A 114 9.66 14.81 -19.02
CA HIS A 114 9.60 14.32 -20.40
C HIS A 114 10.99 14.19 -21.03
N GLY A 115 11.94 15.02 -20.60
CA GLY A 115 13.32 14.86 -21.05
C GLY A 115 14.18 13.89 -20.21
N PHE A 116 13.56 13.18 -19.25
CA PHE A 116 14.34 12.50 -18.20
C PHE A 116 15.22 11.35 -18.69
N THR A 117 14.72 10.53 -19.59
CA THR A 117 15.54 9.42 -20.00
C THR A 117 16.81 9.83 -20.79
N GLU A 118 16.72 10.86 -21.64
CA GLU A 118 17.92 11.41 -22.29
C GLU A 118 18.95 11.80 -21.26
N LEU A 119 18.52 12.52 -20.24
CA LEU A 119 19.37 12.86 -19.12
C LEU A 119 19.99 11.62 -18.44
N LEU A 120 19.20 10.55 -18.29
CA LEU A 120 19.70 9.30 -17.68
C LEU A 120 20.75 8.64 -18.57
N GLN A 121 20.46 8.61 -19.86
CA GLN A 121 21.33 7.93 -20.85
C GLN A 121 22.65 8.63 -20.95
N ARG A 122 22.60 9.97 -20.96
CA ARG A 122 23.80 10.78 -20.97
C ARG A 122 24.68 10.53 -19.75
N ALA A 123 24.08 10.58 -18.55
CA ALA A 123 24.82 10.32 -17.31
C ALA A 123 25.41 8.89 -17.28
N ALA A 124 24.62 7.93 -17.74
CA ALA A 124 25.07 6.52 -17.83
C ALA A 124 26.27 6.40 -18.75
N ASN A 125 26.30 7.24 -19.78
CA ASN A 125 27.34 7.14 -20.82
C ASN A 125 28.60 7.94 -20.54
N ARG A 126 28.57 8.86 -19.56
CA ARG A 126 29.82 9.49 -19.07
C ARG A 126 30.65 8.46 -18.31
N LYS A 127 31.76 8.03 -18.89
CA LYS A 127 32.63 7.06 -18.24
C LYS A 127 33.46 7.65 -17.06
N SER A 128 33.53 8.98 -16.96
CA SER A 128 34.34 9.60 -15.94
C SER A 128 33.56 10.50 -15.08
N GLY A 129 33.89 10.53 -13.79
CA GLY A 129 33.29 11.49 -12.89
C GLY A 129 31.99 11.03 -12.27
N ALA A 130 31.28 11.96 -11.66
CA ALA A 130 30.04 11.67 -10.94
C ALA A 130 29.00 12.63 -11.47
N THR A 131 27.77 12.16 -11.59
CA THR A 131 26.65 13.04 -11.94
C THR A 131 25.60 12.92 -10.84
N ILE A 132 25.21 14.06 -10.27
CA ILE A 132 24.08 14.13 -9.35
C ILE A 132 22.93 14.93 -10.00
N PHE A 133 21.78 14.93 -9.35
CA PHE A 133 20.58 15.57 -9.87
C PHE A 133 19.99 16.46 -8.79
N GLY A 134 19.94 17.74 -9.10
CA GLY A 134 19.46 18.70 -8.14
C GLY A 134 17.99 19.01 -8.45
N TYR A 135 17.24 19.32 -7.41
CA TYR A 135 15.79 19.62 -7.58
C TYR A 135 15.42 20.83 -6.73
N ASN A 136 14.81 21.81 -7.36
CA ASN A 136 14.34 23.03 -6.63
C ASN A 136 13.26 22.63 -5.62
N VAL A 137 13.61 22.63 -4.33
CA VAL A 137 12.61 22.35 -3.30
C VAL A 137 12.37 23.54 -2.38
N LYS A 138 11.24 23.48 -1.68
CA LYS A 138 10.83 24.54 -0.80
C LYS A 138 11.63 24.50 0.48
N ASP A 139 11.98 23.30 0.91
CA ASP A 139 12.65 23.13 2.22
C ASP A 139 14.11 22.58 2.14
N PRO A 140 15.00 23.29 1.40
CA PRO A 140 16.37 22.79 1.15
C PRO A 140 17.00 22.09 2.35
N GLN A 141 16.86 22.68 3.53
CA GLN A 141 17.60 22.23 4.71
C GLN A 141 17.33 20.78 5.11
N ARG A 142 16.31 20.17 4.49
CA ARG A 142 15.94 18.78 4.81
C ARG A 142 16.71 17.73 3.96
N PHE A 143 17.58 18.20 3.07
CA PHE A 143 18.27 17.31 2.12
C PHE A 143 19.76 17.59 2.02
N GLY A 144 20.43 16.91 1.09
CA GLY A 144 21.69 17.41 0.57
C GLY A 144 21.44 18.64 -0.28
N VAL A 145 22.30 19.64 -0.15
CA VAL A 145 22.15 20.88 -0.89
C VAL A 145 23.37 21.17 -1.77
N VAL A 146 23.13 21.58 -3.00
CA VAL A 146 24.22 21.83 -3.95
C VAL A 146 24.21 23.29 -4.44
N GLU A 147 25.38 23.93 -4.38
CA GLU A 147 25.55 25.31 -4.83
C GLU A 147 26.39 25.35 -6.10
N PHE A 148 26.04 26.22 -7.04
CA PHE A 148 26.66 26.17 -8.39
C PHE A 148 27.11 27.53 -8.97
N ASP A 149 26.14 28.42 -9.25
CA ASP A 149 26.45 29.85 -9.57
C ASP A 149 26.87 30.15 -11.04
N GLU A 150 26.99 29.10 -11.86
CA GLU A 150 27.62 29.32 -13.16
C GLU A 150 26.63 29.86 -14.22
N LYS A 151 26.54 29.23 -15.39
CA LYS A 151 27.43 28.13 -15.85
C LYS A 151 27.16 26.73 -15.23
N GLY A 152 26.45 26.65 -14.11
CA GLY A 152 26.03 25.36 -13.53
C GLY A 152 27.15 24.42 -13.06
N LYS A 153 28.30 24.99 -12.67
CA LYS A 153 29.43 24.18 -12.19
C LYS A 153 29.39 24.18 -10.67
N VAL A 154 29.56 23.00 -10.06
CA VAL A 154 29.29 22.82 -8.61
C VAL A 154 30.31 23.59 -7.79
N ILE A 155 29.87 24.26 -6.71
CA ILE A 155 30.81 24.88 -5.79
C ILE A 155 30.84 24.33 -4.35
N SER A 156 29.71 23.85 -3.86
CA SER A 156 29.70 23.11 -2.59
C SER A 156 28.51 22.19 -2.49
N ILE A 157 28.58 21.26 -1.56
CA ILE A 157 27.49 20.37 -1.29
C ILE A 157 27.46 20.03 0.20
N GLU A 158 26.36 20.39 0.85
CA GLU A 158 26.23 20.22 2.29
C GLU A 158 25.04 19.34 2.61
N GLU A 159 25.20 18.42 3.55
CA GLU A 159 24.09 17.59 4.01
C GLU A 159 23.28 18.32 5.08
N LYS A 160 22.04 18.66 4.74
CA LYS A 160 21.11 19.25 5.69
C LYS A 160 21.69 20.50 6.39
N PRO A 161 22.12 21.49 5.59
CA PRO A 161 22.81 22.67 6.08
C PRO A 161 21.86 23.61 6.87
N GLU A 162 22.29 24.03 8.07
CA GLU A 162 21.43 24.83 8.97
C GLU A 162 20.84 26.06 8.29
N GLU A 163 21.67 26.76 7.53
CA GLU A 163 21.16 27.64 6.47
C GLU A 163 21.64 27.19 5.10
N PRO A 164 20.72 27.07 4.13
CA PRO A 164 21.05 26.55 2.81
C PRO A 164 21.70 27.62 1.93
N LYS A 165 22.42 27.19 0.89
CA LYS A 165 23.11 28.11 -0.02
C LYS A 165 22.52 28.06 -1.43
N SER A 166 21.51 27.20 -1.60
CA SER A 166 20.67 27.20 -2.81
C SER A 166 19.29 26.59 -2.53
N SER A 167 18.42 26.62 -3.54
CA SER A 167 17.10 25.97 -3.45
C SER A 167 17.16 24.48 -3.87
N TYR A 168 18.36 23.97 -4.11
CA TYR A 168 18.50 22.71 -4.83
C TYR A 168 18.93 21.54 -3.97
N ALA A 169 17.96 20.65 -3.68
CA ALA A 169 18.25 19.36 -3.06
C ALA A 169 19.01 18.42 -4.00
N VAL A 170 19.90 17.62 -3.40
CA VAL A 170 20.56 16.56 -4.12
C VAL A 170 19.74 15.27 -4.00
N THR A 171 19.03 14.94 -5.08
CA THR A 171 18.06 13.86 -5.05
C THR A 171 18.76 12.54 -4.89
N GLY A 172 17.98 11.47 -4.67
CA GLY A 172 18.56 10.16 -4.37
C GLY A 172 18.93 9.37 -5.61
N LEU A 173 19.68 10.00 -6.50
CA LEU A 173 20.14 9.31 -7.71
C LEU A 173 21.53 9.82 -8.05
N TYR A 174 22.48 8.90 -8.19
CA TYR A 174 23.87 9.25 -8.29
C TYR A 174 24.52 8.30 -9.31
N PHE A 175 25.32 8.87 -10.23
CA PHE A 175 26.11 8.10 -11.18
C PHE A 175 27.60 8.27 -10.90
N TYR A 176 28.34 7.16 -10.86
CA TYR A 176 29.77 7.20 -10.51
C TYR A 176 30.60 6.42 -11.50
N ASP A 177 31.87 6.82 -11.68
CA ASP A 177 32.85 5.89 -12.22
C ASP A 177 33.35 4.97 -11.15
N ASN A 178 34.18 4.01 -11.54
CA ASN A 178 34.59 2.97 -10.64
C ASN A 178 35.36 3.44 -9.40
N ARG A 179 35.80 4.69 -9.39
CA ARG A 179 36.61 5.19 -8.29
C ARG A 179 35.80 5.28 -7.03
N VAL A 180 34.49 5.21 -7.16
CA VAL A 180 33.62 5.32 -6.04
C VAL A 180 33.87 4.26 -4.97
N VAL A 181 34.29 3.06 -5.36
CA VAL A 181 34.45 2.05 -4.36
C VAL A 181 35.62 2.31 -3.42
N ASP A 182 36.73 2.78 -3.97
CA ASP A 182 37.85 3.22 -3.13
C ASP A 182 37.52 4.44 -2.32
N ILE A 183 36.78 5.37 -2.91
CA ILE A 183 36.28 6.52 -2.14
C ILE A 183 35.40 6.14 -0.93
N ALA A 184 34.51 5.15 -1.09
CA ALA A 184 33.57 4.82 -0.01
C ALA A 184 34.33 4.15 1.10
N LYS A 185 35.36 3.38 0.74
CA LYS A 185 36.18 2.66 1.71
C LYS A 185 36.98 3.63 2.53
N ASN A 186 37.19 4.82 2.00
CA ASN A 186 38.17 5.69 2.55
C ASN A 186 37.59 6.84 3.34
N ILE A 187 36.28 7.04 3.22
CA ILE A 187 35.61 8.03 4.05
C ILE A 187 35.35 7.49 5.48
N THR A 188 35.13 8.42 6.42
CA THR A 188 34.82 8.03 7.81
C THR A 188 33.45 8.54 8.27
N PRO A 189 32.82 7.81 9.21
CA PRO A 189 31.51 8.19 9.77
C PRO A 189 31.41 9.70 10.11
N SER A 190 30.25 10.29 9.82
CA SER A 190 30.02 11.73 10.12
C SER A 190 29.69 11.97 11.60
N GLY A 193 26.78 8.77 12.70
CA GLY A 193 27.53 7.50 12.65
C GLY A 193 27.46 6.82 11.28
N GLU A 194 27.02 7.58 10.28
CA GLU A 194 26.71 7.02 8.97
C GLU A 194 27.87 7.21 7.99
N LEU A 195 28.06 6.24 7.11
CA LEU A 195 28.87 6.44 5.91
C LEU A 195 28.10 7.20 4.82
N GLU A 196 28.40 8.48 4.69
CA GLU A 196 27.46 9.37 4.07
C GLU A 196 27.68 9.65 2.59
N ILE A 197 26.61 9.59 1.81
CA ILE A 197 26.72 9.78 0.39
C ILE A 197 27.28 11.17 0.08
N THR A 198 27.03 12.12 0.98
CA THR A 198 27.47 13.48 0.80
C THR A 198 29.00 13.66 0.85
N ASP A 199 29.68 12.81 1.63
CA ASP A 199 31.17 12.72 1.57
C ASP A 199 31.67 12.06 0.30
N VAL A 200 30.94 11.08 -0.22
CA VAL A 200 31.32 10.50 -1.48
C VAL A 200 31.33 11.60 -2.53
N ASN A 201 30.26 12.39 -2.58
CA ASN A 201 30.11 13.46 -3.53
C ASN A 201 31.11 14.62 -3.35
N LYS A 202 31.46 14.94 -2.09
CA LYS A 202 32.56 15.91 -1.77
C LYS A 202 33.92 15.41 -2.28
N ALA A 203 34.12 14.11 -2.25
CA ALA A 203 35.30 13.53 -2.89
C ALA A 203 35.36 13.81 -4.39
N TYR A 204 34.28 13.56 -5.12
CA TYR A 204 34.30 13.90 -6.51
C TYR A 204 34.47 15.40 -6.73
N LEU A 205 33.90 16.19 -5.83
CA LEU A 205 33.98 17.64 -5.97
C LEU A 205 35.42 18.16 -5.81
N GLU A 206 36.14 17.67 -4.82
CA GLU A 206 37.55 18.03 -4.73
C GLU A 206 38.42 17.57 -5.93
N LEU A 207 37.93 16.57 -6.68
CA LEU A 207 38.56 16.16 -7.93
C LEU A 207 38.17 17.07 -9.07
N GLY A 208 37.17 17.92 -8.84
CA GLY A 208 36.63 18.77 -9.89
C GLY A 208 35.83 17.99 -10.90
N GLU A 209 35.30 16.82 -10.50
CA GLU A 209 34.65 15.89 -11.42
C GLU A 209 33.22 15.53 -10.95
N LEU A 210 32.61 16.44 -10.20
CA LEU A 210 31.23 16.28 -9.81
C LEU A 210 30.36 17.17 -10.65
N HIS A 211 29.46 16.56 -11.39
CA HIS A 211 28.63 17.26 -12.36
C HIS A 211 27.15 17.18 -11.92
N VAL A 212 26.44 18.30 -12.02
CA VAL A 212 25.08 18.34 -11.58
C VAL A 212 24.13 18.59 -12.75
N GLU A 213 23.07 17.79 -12.81
CA GLU A 213 21.94 18.09 -13.66
C GLU A 213 20.87 18.77 -12.82
N LEU A 214 20.48 19.98 -13.22
CA LEU A 214 19.49 20.76 -12.49
C LEU A 214 18.16 20.51 -13.11
N LEU A 215 17.28 19.85 -12.35
CA LEU A 215 15.94 19.51 -12.87
C LEU A 215 14.99 20.66 -12.62
N GLY A 216 14.65 21.39 -13.68
CA GLY A 216 13.66 22.48 -13.54
C GLY A 216 12.37 22.16 -14.26
N ARG A 217 11.66 23.21 -14.68
CA ARG A 217 10.57 22.99 -15.62
C ARG A 217 11.07 21.95 -16.61
N GLY A 218 10.27 20.91 -16.94
CA GLY A 218 9.11 20.44 -16.12
C GLY A 218 9.41 18.99 -15.59
N PHE A 219 10.19 18.91 -14.53
CA PHE A 219 10.54 17.64 -13.93
C PHE A 219 9.82 17.44 -12.59
N ALA A 220 9.45 16.20 -12.29
CA ALA A 220 8.87 15.89 -10.94
C ALA A 220 9.83 15.07 -10.10
N TRP A 221 9.83 15.33 -8.80
CA TRP A 221 10.55 14.48 -7.87
C TRP A 221 9.78 14.33 -6.57
N LEU A 222 9.29 13.14 -6.28
CA LEU A 222 8.17 13.04 -5.35
C LEU A 222 8.62 12.59 -3.96
N ASP A 223 8.15 13.31 -2.94
CA ASP A 223 8.41 12.95 -1.55
C ASP A 223 7.55 11.72 -1.17
N THR A 224 8.19 10.74 -0.57
CA THR A 224 7.60 9.44 -0.30
C THR A 224 7.65 9.18 1.25
N GLY A 225 7.89 10.25 2.01
CA GLY A 225 8.28 10.12 3.42
C GLY A 225 7.12 9.98 4.41
N THR A 226 6.02 10.67 4.15
CA THR A 226 4.90 10.70 5.09
C THR A 226 3.65 10.14 4.43
N HIS A 227 2.64 9.87 5.25
CA HIS A 227 1.35 9.40 4.74
C HIS A 227 0.81 10.36 3.70
N GLU A 228 0.94 11.66 3.98
CA GLU A 228 0.37 12.69 3.10
C GLU A 228 1.13 12.72 1.74
N SER A 229 2.44 12.57 1.80
CA SER A 229 3.27 12.67 0.62
C SER A 229 3.25 11.37 -0.22
N LEU A 230 3.04 10.24 0.44
CA LEU A 230 2.79 8.99 -0.28
C LEU A 230 1.51 9.12 -1.09
N LEU A 231 0.47 9.66 -0.49
CA LEU A 231 -0.81 9.85 -1.18
C LEU A 231 -0.67 10.83 -2.39
N GLN A 232 0.03 11.92 -2.16
CA GLN A 232 0.38 12.90 -3.20
C GLN A 232 1.05 12.22 -4.35
N ALA A 233 2.06 11.42 -4.05
CA ALA A 233 2.76 10.72 -5.13
C ALA A 233 1.81 9.86 -5.92
N SER A 234 0.95 9.15 -5.19
CA SER A 234 0.01 8.21 -5.83
C SER A 234 -0.95 8.97 -6.74
N GLN A 235 -1.43 10.13 -6.27
CA GLN A 235 -2.38 10.96 -7.05
C GLN A 235 -1.72 11.51 -8.26
N PHE A 236 -0.45 11.91 -8.14
CA PHE A 236 0.31 12.40 -9.29
C PHE A 236 0.41 11.32 -10.39
N ILE A 237 0.82 10.14 -10.02
CA ILE A 237 0.97 9.06 -11.01
C ILE A 237 -0.35 8.77 -11.68
N GLU A 238 -1.40 8.67 -10.89
CA GLU A 238 -2.70 8.34 -11.47
C GLU A 238 -3.13 9.43 -12.44
N THR A 239 -2.97 10.69 -12.01
CA THR A 239 -3.39 11.81 -12.76
C THR A 239 -2.69 11.83 -14.12
N ILE A 240 -1.39 11.68 -14.09
CA ILE A 240 -0.60 11.76 -15.28
C ILE A 240 -0.80 10.55 -16.20
N GLU A 241 -0.98 9.39 -15.61
CA GLU A 241 -1.35 8.18 -16.41
C GLU A 241 -2.77 8.28 -17.03
N LYS A 242 -3.73 8.77 -16.26
CA LYS A 242 -5.13 8.85 -16.74
C LYS A 242 -5.29 9.93 -17.81
N ARG A 243 -4.78 11.13 -17.54
CA ARG A 243 -4.98 12.28 -18.42
C ARG A 243 -4.07 12.30 -19.65
N GLN A 244 -2.88 11.68 -19.56
CA GLN A 244 -1.89 11.74 -20.62
C GLN A 244 -1.63 10.40 -21.28
N SER A 245 -2.48 9.42 -20.95
CA SER A 245 -2.40 8.07 -21.48
C SER A 245 -0.97 7.56 -21.59
N LEU A 246 -0.28 7.51 -20.46
CA LEU A 246 1.01 6.89 -20.41
C LEU A 246 1.11 6.20 -19.08
N LYS A 247 2.17 5.42 -18.90
CA LYS A 247 2.37 4.71 -17.67
C LYS A 247 3.69 5.13 -17.13
N VAL A 248 3.74 5.33 -15.83
CA VAL A 248 4.98 5.67 -15.22
C VAL A 248 5.52 4.43 -14.52
N ALA A 249 6.73 4.04 -14.94
CA ALA A 249 7.47 2.93 -14.32
C ALA A 249 6.85 1.60 -14.56
N CYS A 250 6.15 1.45 -15.69
CA CYS A 250 5.62 0.16 -16.06
C CYS A 250 6.77 -0.69 -16.62
N LEU A 251 7.32 -1.58 -15.76
CA LEU A 251 8.61 -2.26 -16.07
C LEU A 251 8.53 -3.05 -17.37
N GLU A 252 7.40 -3.74 -17.56
CA GLU A 252 7.23 -4.59 -18.73
C GLU A 252 7.23 -3.78 -20.00
N GLU A 253 6.54 -2.64 -19.98
CA GLU A 253 6.53 -1.71 -21.12
C GLU A 253 7.91 -1.19 -21.43
N ILE A 254 8.67 -0.86 -20.37
CA ILE A 254 10.00 -0.28 -20.56
C ILE A 254 10.92 -1.35 -21.19
N ALA A 255 10.80 -2.57 -20.73
CA ALA A 255 11.66 -3.63 -21.22
C ALA A 255 11.41 -3.84 -22.74
N TYR A 256 10.14 -3.86 -23.08
CA TYR A 256 9.73 -4.05 -24.44
C TYR A 256 10.20 -2.89 -25.31
N ARG A 257 10.02 -1.66 -24.84
CA ARG A 257 10.38 -0.47 -25.64
C ARG A 257 11.90 -0.32 -25.85
N MET A 258 12.70 -0.87 -24.94
CA MET A 258 14.16 -0.77 -25.08
C MET A 258 14.73 -1.97 -25.80
N GLY A 259 13.84 -2.86 -26.25
CA GLY A 259 14.23 -3.97 -27.08
C GLY A 259 14.71 -5.17 -26.32
N TYR A 260 14.50 -5.18 -25.02
CA TYR A 260 15.02 -6.29 -24.17
C TYR A 260 14.23 -7.58 -24.35
N ILE A 261 12.92 -7.43 -24.56
CA ILE A 261 12.03 -8.58 -24.72
C ILE A 261 11.20 -8.43 -26.03
N SER A 262 10.74 -9.55 -26.55
CA SER A 262 10.05 -9.56 -27.82
C SER A 262 8.59 -9.33 -27.59
N ARG A 263 7.85 -9.09 -28.68
CA ARG A 263 6.38 -9.06 -28.66
C ARG A 263 5.79 -10.27 -27.92
N GLU A 264 6.19 -11.46 -28.34
CA GLU A 264 5.63 -12.66 -27.78
C GLU A 264 5.92 -12.77 -26.27
N GLN A 265 7.09 -12.32 -25.83
CA GLN A 265 7.42 -12.35 -24.40
C GLN A 265 6.55 -11.38 -23.61
N LEU A 266 6.26 -10.22 -24.20
CA LEU A 266 5.37 -9.24 -23.60
C LEU A 266 3.89 -9.73 -23.46
N ILE A 267 3.37 -10.34 -24.52
CA ILE A 267 2.07 -10.98 -24.49
C ILE A 267 1.96 -11.99 -23.33
N LYS A 268 2.94 -12.90 -23.23
CA LYS A 268 3.08 -13.79 -22.05
C LYS A 268 3.08 -13.07 -20.67
N LEU A 269 3.70 -11.90 -20.58
CA LEU A 269 3.72 -11.16 -19.32
C LEU A 269 2.34 -10.51 -19.04
N ALA A 270 1.54 -10.37 -20.09
CA ALA A 270 0.34 -9.57 -20.01
C ALA A 270 -0.84 -10.46 -19.69
N GLU A 271 -0.80 -11.68 -20.22
CA GLU A 271 -1.90 -12.61 -20.09
C GLU A 271 -2.30 -12.83 -18.62
N PRO A 272 -1.42 -13.47 -17.83
CA PRO A 272 -1.82 -13.67 -16.44
C PRO A 272 -2.39 -12.40 -15.79
N LEU A 273 -2.23 -11.25 -16.45
CA LEU A 273 -2.65 -9.94 -15.89
C LEU A 273 -3.87 -9.34 -16.60
N MET A 274 -4.56 -10.16 -17.40
CA MET A 274 -5.61 -9.63 -18.29
C MET A 274 -6.91 -9.46 -17.53
N LYS A 275 -7.29 -10.50 -16.77
CA LYS A 275 -8.45 -10.40 -15.84
C LYS A 275 -8.18 -9.33 -14.77
N ASN A 276 -7.47 -8.29 -15.19
CA ASN A 276 -7.16 -7.12 -14.36
C ASN A 276 -6.97 -6.03 -15.37
N GLU A 277 -6.81 -4.78 -14.97
CA GLU A 277 -6.36 -3.81 -15.98
C GLU A 277 -4.94 -4.15 -16.45
N TYR A 278 -3.96 -4.06 -15.52
CA TYR A 278 -2.57 -3.63 -15.85
C TYR A 278 -2.04 -4.36 -17.12
N GLY A 279 -2.43 -5.63 -17.26
CA GLY A 279 -2.29 -6.36 -18.52
C GLY A 279 -2.81 -5.62 -19.77
N GLN A 280 -3.98 -5.00 -19.65
CA GLN A 280 -4.67 -4.47 -20.82
C GLN A 280 -3.82 -3.47 -21.55
N TYR A 281 -3.21 -2.55 -20.80
CA TYR A 281 -2.30 -1.57 -21.39
C TYR A 281 -1.10 -2.28 -22.03
N LEU A 282 -0.77 -3.45 -21.50
CA LEU A 282 0.36 -4.22 -22.00
C LEU A 282 -0.03 -4.94 -23.31
N MET A 283 -1.24 -5.52 -23.35
CA MET A 283 -1.80 -6.08 -24.58
C MET A 283 -1.97 -5.02 -25.70
N ASN A 284 -2.56 -3.86 -25.37
CA ASN A 284 -2.68 -2.77 -26.36
C ASN A 284 -1.34 -2.42 -26.98
N LEU A 285 -0.29 -2.45 -26.16
CA LEU A 285 1.00 -2.02 -26.61
C LEU A 285 1.67 -3.09 -27.48
N ALA A 286 1.42 -4.36 -27.16
CA ALA A 286 2.11 -5.50 -27.78
C ALA A 286 1.58 -5.82 -29.17
N HIS A 287 0.30 -5.45 -29.43
CA HIS A 287 -0.26 -5.48 -30.78
C HIS A 287 -0.27 -4.05 -31.39
N ARG A 288 0.90 -3.48 -31.63
CA ARG A 288 1.01 -2.20 -32.37
C ARG A 288 0.55 -2.35 -33.81
N MET B 1 -22.10 -10.82 21.55
CA MET B 1 -21.94 -11.09 20.10
C MET B 1 -20.46 -11.24 19.72
N LYS B 2 -20.17 -12.17 18.82
CA LYS B 2 -18.86 -12.30 18.30
C LYS B 2 -18.77 -11.65 16.93
N GLY B 3 -17.56 -11.50 16.41
CA GLY B 3 -17.38 -11.03 15.05
C GLY B 3 -16.39 -11.84 14.26
N ILE B 4 -16.56 -11.83 12.97
CA ILE B 4 -15.63 -12.50 12.04
C ILE B 4 -15.25 -11.53 10.90
N ILE B 5 -13.96 -11.43 10.64
CA ILE B 5 -13.51 -10.74 9.47
C ILE B 5 -13.04 -11.73 8.43
N LEU B 6 -13.69 -11.71 7.28
CA LEU B 6 -13.32 -12.60 6.20
C LEU B 6 -12.41 -11.86 5.25
N SER B 7 -11.13 -12.21 5.28
CA SER B 7 -10.08 -11.30 4.79
C SER B 7 -9.08 -12.07 3.99
N GLY B 8 -9.57 -13.01 3.18
CA GLY B 8 -8.72 -13.80 2.34
C GLY B 8 -8.80 -13.36 0.90
N GLY B 9 -8.67 -14.32 -0.01
CA GLY B 9 -9.03 -14.11 -1.39
C GLY B 9 -7.80 -13.97 -2.24
N SER B 10 -8.01 -13.87 -3.55
CA SER B 10 -6.96 -13.53 -4.49
C SER B 10 -6.61 -12.04 -4.42
N GLY B 11 -5.40 -11.71 -4.84
CA GLY B 11 -5.05 -10.32 -5.03
C GLY B 11 -5.35 -9.83 -6.45
N THR B 12 -5.82 -10.74 -7.31
CA THR B 12 -5.49 -10.68 -8.75
C THR B 12 -5.80 -9.32 -9.45
N ARG B 13 -6.98 -8.78 -9.19
CA ARG B 13 -7.40 -7.50 -9.77
C ARG B 13 -6.45 -6.33 -9.41
N LEU B 14 -5.83 -6.42 -8.23
CA LEU B 14 -4.94 -5.34 -7.78
C LEU B 14 -3.48 -5.63 -8.15
N TYR B 15 -3.24 -6.73 -8.88
CA TYR B 15 -1.90 -7.03 -9.38
C TYR B 15 -1.34 -5.78 -10.13
N PRO B 16 -0.04 -5.42 -9.92
CA PRO B 16 1.00 -6.12 -9.14
C PRO B 16 1.07 -5.80 -7.66
N LEU B 17 0.19 -4.94 -7.16
CA LEU B 17 0.23 -4.57 -5.72
C LEU B 17 0.15 -5.78 -4.80
N THR B 18 -0.64 -6.74 -5.22
CA THR B 18 -0.93 -7.86 -4.38
C THR B 18 -0.08 -9.05 -4.74
N LYS B 19 0.93 -8.87 -5.60
CA LYS B 19 1.85 -10.00 -5.89
C LYS B 19 2.56 -10.55 -4.60
N VAL B 20 3.01 -9.67 -3.74
CA VAL B 20 3.79 -10.11 -2.59
C VAL B 20 3.22 -9.55 -1.27
N VAL B 21 2.09 -8.86 -1.35
CA VAL B 21 1.48 -8.25 -0.17
C VAL B 21 -0.02 -8.55 -0.17
N SER B 22 -0.56 -8.92 1.01
CA SER B 22 -2.02 -9.17 1.14
C SER B 22 -2.84 -7.92 0.78
N LYS B 23 -3.84 -8.09 -0.06
CA LYS B 23 -4.83 -7.02 -0.32
C LYS B 23 -5.21 -6.21 0.96
N GLN B 24 -5.59 -6.92 2.01
CA GLN B 24 -6.17 -6.26 3.17
C GLN B 24 -5.09 -5.75 4.09
N LEU B 25 -3.85 -5.85 3.62
CA LEU B 25 -2.72 -5.16 4.22
C LEU B 25 -2.25 -3.91 3.47
N LEU B 26 -2.83 -3.64 2.27
CA LEU B 26 -2.49 -2.41 1.52
C LEU B 26 -2.98 -1.15 2.24
N PRO B 27 -2.26 -0.02 2.07
CA PRO B 27 -2.68 1.25 2.63
C PRO B 27 -4.02 1.72 2.12
N VAL B 28 -4.85 2.19 3.05
CA VAL B 28 -5.94 3.05 2.73
C VAL B 28 -5.66 4.35 3.46
N TYR B 29 -5.14 5.30 2.70
CA TYR B 29 -4.47 6.44 3.23
C TYR B 29 -3.34 6.06 4.21
N ASP B 30 -3.57 6.14 5.53
CA ASP B 30 -2.50 5.93 6.53
C ASP B 30 -2.62 4.61 7.35
N LYS B 31 -3.56 3.72 7.00
CA LYS B 31 -3.72 2.50 7.75
C LYS B 31 -3.91 1.32 6.84
N PRO B 32 -3.46 0.14 7.28
CA PRO B 32 -3.75 -1.07 6.54
C PRO B 32 -5.23 -1.22 6.34
N MET B 33 -5.60 -1.78 5.21
CA MET B 33 -7.00 -1.83 4.85
C MET B 33 -7.83 -2.49 5.96
N VAL B 34 -7.27 -3.51 6.60
CA VAL B 34 -8.03 -4.38 7.54
C VAL B 34 -8.44 -3.61 8.83
N TYR B 35 -7.80 -2.49 9.05
CA TYR B 35 -8.19 -1.62 10.17
C TYR B 35 -9.63 -1.19 10.03
N TYR B 36 -10.07 -0.93 8.79
CA TYR B 36 -11.35 -0.31 8.62
C TYR B 36 -12.53 -1.27 9.00
N PRO B 37 -12.59 -2.47 8.38
CA PRO B 37 -13.64 -3.46 8.88
C PRO B 37 -13.43 -3.82 10.36
N LEU B 38 -12.19 -3.93 10.84
CA LEU B 38 -11.99 -4.20 12.29
C LEU B 38 -12.64 -3.13 13.14
N SER B 39 -12.53 -1.87 12.71
CA SER B 39 -13.00 -0.74 13.54
C SER B 39 -14.54 -0.75 13.60
N VAL B 40 -15.16 -1.26 12.56
CA VAL B 40 -16.60 -1.37 12.47
C VAL B 40 -17.11 -2.47 13.44
N LEU B 41 -16.40 -3.59 13.53
CA LEU B 41 -16.70 -4.55 14.62
C LEU B 41 -16.54 -3.92 16.00
N MET B 42 -15.47 -3.15 16.19
CA MET B 42 -15.24 -2.55 17.50
C MET B 42 -16.33 -1.57 17.86
N LEU B 43 -16.74 -0.76 16.89
CA LEU B 43 -17.69 0.30 17.14
C LEU B 43 -19.05 -0.28 17.42
N ALA B 44 -19.28 -1.47 16.91
CA ALA B 44 -20.48 -2.23 17.20
C ALA B 44 -20.52 -2.75 18.68
N GLY B 45 -19.37 -2.74 19.37
CA GLY B 45 -19.35 -3.25 20.76
C GLY B 45 -18.90 -4.72 20.81
N ILE B 46 -18.41 -5.22 19.68
CA ILE B 46 -17.96 -6.59 19.59
C ILE B 46 -16.47 -6.68 19.99
N LYS B 47 -16.12 -7.65 20.83
CA LYS B 47 -14.77 -7.69 21.46
C LYS B 47 -14.09 -9.02 21.30
N ASP B 48 -14.80 -9.97 20.74
CA ASP B 48 -14.27 -11.29 20.57
C ASP B 48 -14.34 -11.56 19.05
N ILE B 49 -13.18 -11.60 18.40
CA ILE B 49 -13.16 -11.51 16.96
C ILE B 49 -12.26 -12.52 16.33
N LEU B 50 -12.75 -13.15 15.28
CA LEU B 50 -11.95 -14.11 14.52
C LEU B 50 -11.59 -13.54 13.15
N ILE B 51 -10.30 -13.56 12.82
CA ILE B 51 -9.85 -13.14 11.52
C ILE B 51 -9.49 -14.34 10.64
N ILE B 52 -10.13 -14.43 9.49
CA ILE B 52 -9.92 -15.53 8.62
C ILE B 52 -9.30 -15.04 7.33
N SER B 53 -8.16 -15.62 6.98
CA SER B 53 -7.50 -15.29 5.75
C SER B 53 -6.87 -16.54 5.17
N THR B 54 -6.05 -16.36 4.12
CA THR B 54 -5.48 -17.50 3.40
C THR B 54 -4.33 -18.06 4.21
N PRO B 55 -3.85 -19.28 3.84
CA PRO B 55 -2.76 -19.88 4.62
C PRO B 55 -1.47 -19.03 4.58
N GLU B 56 -1.22 -18.41 3.44
CA GLU B 56 -0.11 -17.46 3.28
C GLU B 56 -0.28 -16.21 4.14
N ASP B 57 -1.45 -15.58 4.07
CA ASP B 57 -1.61 -14.20 4.62
C ASP B 57 -1.96 -14.16 6.13
N THR B 58 -2.50 -15.25 6.66
CA THR B 58 -3.03 -15.25 8.02
C THR B 58 -1.95 -14.98 9.08
N PRO B 59 -0.75 -15.54 8.92
CA PRO B 59 0.36 -15.12 9.84
C PRO B 59 0.71 -13.60 9.79
N ARG B 60 0.50 -12.96 8.65
CA ARG B 60 0.82 -11.53 8.53
C ARG B 60 -0.16 -10.70 9.28
N PHE B 61 -1.42 -11.10 9.24
CA PHE B 61 -2.48 -10.40 10.04
C PHE B 61 -2.25 -10.52 11.54
N GLU B 62 -1.78 -11.69 11.97
CA GLU B 62 -1.45 -11.94 13.40
C GLU B 62 -0.27 -11.08 13.80
N GLN B 63 0.74 -11.07 12.96
CA GLN B 63 1.85 -10.13 13.11
C GLN B 63 1.37 -8.68 13.26
N LEU B 64 0.41 -8.26 12.42
CA LEU B 64 -0.08 -6.87 12.49
C LEU B 64 -0.83 -6.58 13.78
N LEU B 65 -1.75 -7.48 14.15
CA LEU B 65 -2.75 -7.17 15.15
C LEU B 65 -2.55 -7.96 16.45
N GLY B 66 -1.84 -9.10 16.38
CA GLY B 66 -1.59 -9.98 17.56
C GLY B 66 -2.89 -10.54 18.15
N GLY B 67 -2.93 -10.67 19.49
CA GLY B 67 -4.13 -11.22 20.19
C GLY B 67 -5.11 -10.12 20.64
N GLY B 68 -4.76 -8.85 20.40
CA GLY B 68 -5.75 -7.79 20.51
C GLY B 68 -5.76 -7.07 21.84
N SER B 69 -4.91 -7.53 22.76
CA SER B 69 -4.98 -7.02 24.16
C SER B 69 -4.71 -5.53 24.27
N GLU B 70 -3.84 -4.99 23.41
CA GLU B 70 -3.59 -3.55 23.49
C GLU B 70 -4.74 -2.65 23.06
N LEU B 71 -5.74 -3.26 22.44
CA LEU B 71 -7.00 -2.57 22.06
C LEU B 71 -8.13 -2.92 23.01
N GLY B 72 -7.84 -3.84 23.94
CA GLY B 72 -8.89 -4.29 24.92
C GLY B 72 -9.90 -5.26 24.35
N ILE B 73 -9.48 -6.03 23.36
CA ILE B 73 -10.37 -6.96 22.73
C ILE B 73 -9.64 -8.26 22.60
N SER B 74 -10.30 -9.28 22.06
CA SER B 74 -9.64 -10.54 21.81
C SER B 74 -9.68 -10.97 20.33
N LEU B 75 -8.51 -11.14 19.72
CA LEU B 75 -8.42 -11.52 18.33
C LEU B 75 -7.91 -12.92 18.24
N SER B 76 -8.50 -13.71 17.36
CA SER B 76 -7.92 -15.00 16.99
C SER B 76 -8.05 -15.20 15.49
N TYR B 77 -7.39 -16.25 14.98
CA TYR B 77 -7.10 -16.38 13.57
C TYR B 77 -7.43 -17.80 13.08
N ALA B 78 -7.94 -17.91 11.85
CA ALA B 78 -8.04 -19.21 11.19
C ALA B 78 -7.80 -19.06 9.72
N VAL B 79 -7.63 -20.20 9.06
CA VAL B 79 -7.23 -20.25 7.68
C VAL B 79 -8.41 -20.65 6.79
N GLN B 80 -8.63 -19.91 5.73
CA GLN B 80 -9.49 -20.38 4.66
C GLN B 80 -8.65 -20.96 3.52
N SER B 81 -8.75 -22.28 3.33
CA SER B 81 -7.83 -22.99 2.42
C SER B 81 -8.01 -22.58 0.97
N SER B 82 -9.27 -22.44 0.55
CA SER B 82 -9.61 -21.85 -0.74
C SER B 82 -10.85 -21.02 -0.57
N PRO B 83 -11.05 -20.03 -1.46
CA PRO B 83 -12.12 -19.07 -1.24
C PRO B 83 -13.46 -19.54 -1.82
N ASP B 84 -14.06 -20.52 -1.13
CA ASP B 84 -15.24 -21.23 -1.61
C ASP B 84 -16.54 -20.59 -1.12
N GLY B 85 -16.49 -19.28 -0.83
CA GLY B 85 -17.70 -18.51 -0.48
C GLY B 85 -17.69 -17.88 0.93
N LEU B 86 -18.40 -16.76 1.07
CA LEU B 86 -18.48 -16.06 2.35
C LEU B 86 -19.11 -16.93 3.49
N ALA B 87 -20.11 -17.72 3.16
CA ALA B 87 -20.77 -18.57 4.14
C ALA B 87 -19.85 -19.60 4.77
N GLN B 88 -18.73 -19.90 4.13
CA GLN B 88 -17.76 -20.75 4.77
C GLN B 88 -17.27 -20.19 6.09
N ALA B 89 -17.39 -18.88 6.28
CA ALA B 89 -16.90 -18.23 7.51
C ALA B 89 -17.52 -18.88 8.75
N PHE B 90 -18.81 -19.26 8.62
CA PHE B 90 -19.56 -19.79 9.72
C PHE B 90 -19.26 -21.27 9.95
N ILE B 91 -18.73 -21.95 8.93
CA ILE B 91 -18.25 -23.35 9.08
C ILE B 91 -16.86 -23.41 9.67
N ILE B 92 -15.92 -22.71 9.08
CA ILE B 92 -14.60 -22.52 9.70
C ILE B 92 -14.76 -21.97 11.12
N GLY B 93 -15.62 -20.96 11.28
CA GLY B 93 -15.75 -20.30 12.60
C GLY B 93 -16.73 -21.00 13.57
N GLU B 94 -17.19 -22.19 13.20
CA GLU B 94 -18.25 -22.83 13.99
C GLU B 94 -17.90 -22.90 15.45
N GLU B 95 -16.73 -23.47 15.74
CA GLU B 95 -16.29 -23.62 17.12
C GLU B 95 -16.10 -22.27 17.85
N PHE B 96 -15.44 -21.32 17.19
CA PHE B 96 -15.31 -19.95 17.75
C PHE B 96 -16.69 -19.36 18.07
N ILE B 97 -17.67 -19.54 17.17
CA ILE B 97 -19.02 -18.93 17.37
C ILE B 97 -19.74 -19.52 18.62
N GLY B 98 -19.64 -20.85 18.82
CA GLY B 98 -20.30 -21.50 19.96
C GLY B 98 -21.82 -21.36 19.86
N ASP B 99 -22.43 -20.85 20.91
CA ASP B 99 -23.87 -20.54 20.90
C ASP B 99 -24.17 -19.05 20.71
N ASP B 100 -23.12 -18.26 20.42
CA ASP B 100 -23.29 -16.79 20.35
C ASP B 100 -23.92 -16.33 19.02
N ASN B 101 -24.57 -15.19 19.04
CA ASN B 101 -24.75 -14.40 17.84
C ASN B 101 -23.40 -13.94 17.28
N VAL B 102 -23.36 -13.59 16.00
CA VAL B 102 -22.10 -13.27 15.33
C VAL B 102 -22.32 -12.29 14.16
N ALA B 103 -21.45 -11.28 14.04
CA ALA B 103 -21.40 -10.48 12.85
C ALA B 103 -20.24 -10.91 11.91
N LEU B 104 -20.49 -10.89 10.60
CA LEU B 104 -19.47 -11.07 9.59
C LEU B 104 -19.25 -9.74 8.86
N VAL B 105 -17.97 -9.32 8.74
CA VAL B 105 -17.61 -8.16 7.89
C VAL B 105 -16.51 -8.57 6.91
N LEU B 106 -16.63 -8.14 5.66
CA LEU B 106 -15.57 -8.44 4.66
C LEU B 106 -14.33 -7.57 4.92
N GLY B 107 -13.16 -8.18 4.79
CA GLY B 107 -11.88 -7.50 5.03
C GLY B 107 -11.57 -6.30 4.09
N ASP B 108 -12.28 -6.22 2.98
CA ASP B 108 -12.01 -5.10 2.06
C ASP B 108 -13.14 -4.07 2.00
N ASN B 109 -14.08 -4.14 2.96
CA ASN B 109 -15.19 -3.19 2.97
C ASN B 109 -14.89 -1.99 3.85
N ILE B 110 -15.28 -0.80 3.40
CA ILE B 110 -15.06 0.38 4.14
C ILE B 110 -16.35 1.19 4.27
N PHE B 111 -16.77 1.43 5.51
CA PHE B 111 -17.99 2.13 5.81
C PHE B 111 -17.69 3.40 6.52
N TYR B 112 -18.54 4.41 6.30
CA TYR B 112 -18.40 5.66 7.06
C TYR B 112 -19.64 6.51 7.00
N GLY B 113 -19.98 7.12 8.14
CA GLY B 113 -21.15 8.04 8.22
C GLY B 113 -21.45 8.47 9.66
N HIS B 114 -22.13 9.61 9.81
CA HIS B 114 -22.32 10.21 11.15
C HIS B 114 -23.01 9.26 12.12
N GLY B 115 -24.16 8.74 11.71
CA GLY B 115 -24.92 7.89 12.59
C GLY B 115 -24.63 6.41 12.39
N PHE B 116 -23.39 6.06 12.02
CA PHE B 116 -23.08 4.67 11.72
C PHE B 116 -22.88 3.80 12.96
N THR B 117 -22.21 4.30 13.97
CA THR B 117 -22.02 3.46 15.15
C THR B 117 -23.31 3.22 15.96
N GLU B 118 -24.27 4.14 15.87
CA GLU B 118 -25.62 3.94 16.38
C GLU B 118 -26.27 2.75 15.73
N LEU B 119 -26.27 2.76 14.40
CA LEU B 119 -26.77 1.68 13.63
C LEU B 119 -26.09 0.36 13.97
N LEU B 120 -24.76 0.40 14.13
CA LEU B 120 -24.00 -0.82 14.44
C LEU B 120 -24.42 -1.38 15.80
N GLN B 121 -24.50 -0.50 16.81
CA GLN B 121 -24.90 -0.86 18.18
C GLN B 121 -26.28 -1.49 18.22
N ARG B 122 -27.21 -0.84 17.55
CA ARG B 122 -28.55 -1.39 17.40
C ARG B 122 -28.53 -2.80 16.81
N ALA B 123 -27.91 -2.96 15.64
CA ALA B 123 -27.79 -4.27 15.03
C ALA B 123 -27.13 -5.30 15.96
N ALA B 124 -26.10 -4.89 16.68
CA ALA B 124 -25.39 -5.80 17.62
C ALA B 124 -26.29 -6.23 18.77
N ASN B 125 -27.17 -5.33 19.19
CA ASN B 125 -27.97 -5.57 20.38
C ASN B 125 -29.31 -6.20 20.06
N ARG B 126 -29.56 -6.42 18.77
CA ARG B 126 -30.75 -7.13 18.32
C ARG B 126 -30.50 -8.67 18.31
N LYS B 127 -30.95 -9.35 19.34
CA LYS B 127 -30.57 -10.73 19.59
C LYS B 127 -31.29 -11.76 18.68
N SER B 128 -32.28 -11.31 17.89
CA SER B 128 -32.95 -12.20 16.98
C SER B 128 -32.94 -11.71 15.56
N GLY B 129 -32.73 -12.62 14.63
CA GLY B 129 -32.82 -12.30 13.23
C GLY B 129 -31.48 -11.89 12.60
N ALA B 130 -31.57 -11.34 11.40
CA ALA B 130 -30.41 -10.94 10.60
C ALA B 130 -30.58 -9.48 10.25
N THR B 131 -29.51 -8.73 10.31
CA THR B 131 -29.51 -7.33 9.82
C THR B 131 -28.49 -7.20 8.72
N ILE B 132 -28.95 -6.73 7.58
CA ILE B 132 -28.06 -6.38 6.50
C ILE B 132 -28.06 -4.86 6.28
N PHE B 133 -27.11 -4.40 5.47
CA PHE B 133 -26.92 -2.97 5.22
C PHE B 133 -26.91 -2.68 3.71
N GLY B 134 -27.88 -1.91 3.28
CA GLY B 134 -28.09 -1.70 1.84
C GLY B 134 -27.48 -0.33 1.48
N TYR B 135 -26.90 -0.23 0.28
CA TYR B 135 -26.27 1.03 -0.17
C TYR B 135 -26.65 1.32 -1.61
N ASN B 136 -27.14 2.54 -1.87
CA ASN B 136 -27.52 2.95 -3.23
C ASN B 136 -26.27 3.10 -4.11
N VAL B 137 -26.05 2.13 -4.99
CA VAL B 137 -24.94 2.20 -5.90
C VAL B 137 -25.40 2.54 -7.31
N LYS B 138 -24.44 2.97 -8.13
CA LYS B 138 -24.65 3.22 -9.53
C LYS B 138 -24.82 1.89 -10.27
N ASP B 139 -24.14 0.85 -9.81
CA ASP B 139 -24.02 -0.41 -10.60
C ASP B 139 -24.58 -1.71 -9.93
N PRO B 140 -25.86 -1.69 -9.52
CA PRO B 140 -26.43 -2.78 -8.71
C PRO B 140 -26.06 -4.19 -9.19
N GLN B 141 -26.13 -4.42 -10.50
CA GLN B 141 -26.06 -5.79 -11.04
C GLN B 141 -24.78 -6.51 -10.63
N ARG B 142 -23.83 -5.77 -10.05
CA ARG B 142 -22.51 -6.31 -9.72
C ARG B 142 -22.41 -6.79 -8.25
N PHE B 143 -23.49 -6.62 -7.48
CA PHE B 143 -23.50 -7.01 -6.04
C PHE B 143 -24.67 -7.94 -5.72
N GLY B 144 -24.83 -8.26 -4.43
CA GLY B 144 -26.13 -8.66 -3.90
C GLY B 144 -27.08 -7.47 -3.90
N VAL B 145 -28.32 -7.70 -4.31
CA VAL B 145 -29.30 -6.61 -4.42
C VAL B 145 -30.53 -6.88 -3.57
N VAL B 146 -30.99 -5.86 -2.84
CA VAL B 146 -32.11 -6.04 -1.92
C VAL B 146 -33.32 -5.25 -2.36
N GLU B 147 -34.44 -5.93 -2.50
CA GLU B 147 -35.68 -5.25 -2.81
C GLU B 147 -36.55 -5.18 -1.59
N PHE B 148 -37.11 -4.02 -1.36
CA PHE B 148 -37.89 -3.78 -0.16
C PHE B 148 -39.15 -3.05 -0.54
N ASP B 149 -40.18 -3.17 0.30
CA ASP B 149 -41.44 -2.47 0.08
C ASP B 149 -41.37 -1.06 0.68
N GLU B 150 -42.52 -0.39 0.74
CA GLU B 150 -42.56 1.04 0.98
C GLU B 150 -42.38 1.36 2.47
N LYS B 151 -42.36 0.32 3.30
CA LYS B 151 -42.14 0.49 4.74
C LYS B 151 -40.74 -0.01 5.19
N GLY B 152 -39.95 -0.48 4.22
CA GLY B 152 -38.57 -0.89 4.47
C GLY B 152 -38.38 -2.38 4.77
N LYS B 153 -39.47 -3.15 4.65
CA LYS B 153 -39.40 -4.61 4.83
C LYS B 153 -38.88 -5.25 3.56
N VAL B 154 -37.98 -6.22 3.72
CA VAL B 154 -37.28 -6.82 2.58
C VAL B 154 -38.24 -7.70 1.80
N ILE B 155 -38.15 -7.67 0.48
CA ILE B 155 -38.96 -8.57 -0.32
C ILE B 155 -38.22 -9.60 -1.19
N SER B 156 -37.00 -9.28 -1.62
CA SER B 156 -36.15 -10.28 -2.23
C SER B 156 -34.69 -9.89 -2.15
N ILE B 157 -33.83 -10.87 -2.35
CA ILE B 157 -32.42 -10.63 -2.34
C ILE B 157 -31.78 -11.59 -3.35
N GLU B 158 -31.12 -11.01 -4.36
CA GLU B 158 -30.52 -11.81 -5.43
C GLU B 158 -29.05 -11.43 -5.60
N GLU B 159 -28.18 -12.42 -5.78
CA GLU B 159 -26.78 -12.14 -6.04
C GLU B 159 -26.54 -11.80 -7.52
N LYS B 160 -26.11 -10.57 -7.77
CA LYS B 160 -25.76 -10.11 -9.12
C LYS B 160 -26.87 -10.45 -10.13
N PRO B 161 -28.08 -9.93 -9.89
CA PRO B 161 -29.20 -10.13 -10.79
C PRO B 161 -28.93 -9.45 -12.13
N GLU B 162 -29.16 -10.19 -13.23
CA GLU B 162 -28.94 -9.65 -14.56
C GLU B 162 -29.80 -8.41 -14.85
N GLU B 163 -30.96 -8.34 -14.18
CA GLU B 163 -31.62 -7.05 -13.93
C GLU B 163 -31.88 -6.86 -12.44
N PRO B 164 -31.58 -5.66 -11.92
CA PRO B 164 -31.80 -5.39 -10.50
C PRO B 164 -33.23 -4.95 -10.24
N LYS B 165 -33.72 -5.23 -9.03
CA LYS B 165 -35.07 -4.85 -8.63
C LYS B 165 -35.07 -3.65 -7.70
N SER B 166 -33.86 -3.17 -7.37
CA SER B 166 -33.66 -1.90 -6.70
C SER B 166 -32.25 -1.36 -6.99
N SER B 167 -31.94 -0.19 -6.46
CA SER B 167 -30.58 0.37 -6.58
C SER B 167 -29.66 -0.08 -5.44
N TYR B 168 -30.21 -0.85 -4.50
CA TYR B 168 -29.54 -1.08 -3.22
C TYR B 168 -28.71 -2.35 -3.17
N ALA B 169 -27.38 -2.17 -3.20
CA ALA B 169 -26.44 -3.28 -3.01
C ALA B 169 -26.46 -3.72 -1.56
N VAL B 170 -26.31 -5.03 -1.36
CA VAL B 170 -26.14 -5.60 -0.04
C VAL B 170 -24.64 -5.61 0.34
N THR B 171 -24.25 -4.65 1.16
CA THR B 171 -22.84 -4.45 1.47
C THR B 171 -22.29 -5.63 2.26
N GLY B 172 -20.96 -5.70 2.42
CA GLY B 172 -20.32 -6.81 3.09
C GLY B 172 -20.29 -6.69 4.59
N LEU B 173 -21.47 -6.51 5.20
CA LEU B 173 -21.55 -6.44 6.66
C LEU B 173 -22.87 -7.06 7.08
N TYR B 174 -22.80 -8.07 7.92
CA TYR B 174 -23.96 -8.91 8.21
C TYR B 174 -23.96 -9.24 9.71
N PHE B 175 -25.13 -9.08 10.34
CA PHE B 175 -25.30 -9.44 11.75
C PHE B 175 -26.31 -10.59 11.85
N TYR B 176 -25.97 -11.67 12.53
CA TYR B 176 -26.89 -12.85 12.62
C TYR B 176 -27.12 -13.30 14.05
N ASP B 177 -28.25 -13.98 14.30
CA ASP B 177 -28.35 -14.74 15.53
C ASP B 177 -27.68 -16.07 15.36
N ASN B 178 -27.69 -16.89 16.39
CA ASN B 178 -26.87 -18.09 16.39
C ASN B 178 -27.33 -19.15 15.40
N ARG B 179 -28.51 -18.95 14.82
CA ARG B 179 -29.05 -19.89 13.85
C ARG B 179 -28.27 -19.93 12.58
N VAL B 180 -27.50 -18.87 12.33
CA VAL B 180 -26.71 -18.84 11.10
C VAL B 180 -25.80 -20.05 10.89
N VAL B 181 -25.27 -20.64 11.97
CA VAL B 181 -24.35 -21.72 11.76
C VAL B 181 -25.04 -22.99 11.26
N ASP B 182 -26.23 -23.27 11.76
CA ASP B 182 -27.02 -24.35 11.19
C ASP B 182 -27.47 -24.04 9.78
N ILE B 183 -27.87 -22.80 9.53
CA ILE B 183 -28.21 -22.37 8.17
C ILE B 183 -27.07 -22.60 7.18
N ALA B 184 -25.84 -22.28 7.56
CA ALA B 184 -24.72 -22.36 6.62
C ALA B 184 -24.37 -23.82 6.31
N LYS B 185 -24.48 -24.68 7.30
CA LYS B 185 -24.29 -26.13 7.12
C LYS B 185 -25.29 -26.70 6.14
N ASN B 186 -26.41 -26.04 5.99
CA ASN B 186 -27.51 -26.62 5.30
C ASN B 186 -27.78 -26.05 3.92
N ILE B 187 -27.14 -24.93 3.61
CA ILE B 187 -27.20 -24.43 2.26
C ILE B 187 -26.32 -25.28 1.33
N THR B 188 -26.60 -25.19 0.04
CA THR B 188 -25.82 -25.92 -0.93
C THR B 188 -25.09 -25.00 -1.91
N PRO B 189 -23.93 -25.46 -2.43
CA PRO B 189 -23.16 -24.69 -3.42
C PRO B 189 -24.02 -24.09 -4.57
N SER B 190 -23.66 -22.87 -5.00
CA SER B 190 -24.33 -22.21 -6.13
C SER B 190 -23.81 -22.73 -7.49
N ALA B 191 -24.39 -22.21 -8.58
CA ALA B 191 -23.89 -22.51 -9.94
C ALA B 191 -22.64 -21.67 -10.27
N GLU B 194 -19.17 -22.68 -4.28
CA GLU B 194 -19.34 -21.46 -3.50
C GLU B 194 -20.57 -21.51 -2.56
N LEU B 195 -20.31 -21.64 -1.27
CA LEU B 195 -21.33 -21.42 -0.24
C LEU B 195 -21.61 -19.93 -0.08
N GLU B 196 -22.72 -19.47 -0.63
CA GLU B 196 -22.92 -18.04 -0.80
C GLU B 196 -23.69 -17.35 0.31
N ILE B 197 -23.33 -16.11 0.60
CA ILE B 197 -23.91 -15.41 1.71
C ILE B 197 -25.34 -15.02 1.38
N THR B 198 -25.63 -14.91 0.07
CA THR B 198 -26.97 -14.52 -0.36
C THR B 198 -28.02 -15.62 -0.05
N ASP B 199 -27.62 -16.88 -0.11
CA ASP B 199 -28.47 -17.98 0.43
C ASP B 199 -28.63 -17.96 1.94
N VAL B 200 -27.61 -17.50 2.66
CA VAL B 200 -27.77 -17.37 4.09
C VAL B 200 -28.83 -16.34 4.37
N ASN B 201 -28.75 -15.23 3.64
CA ASN B 201 -29.72 -14.17 3.79
C ASN B 201 -31.12 -14.51 3.28
N LYS B 202 -31.22 -15.37 2.28
CA LYS B 202 -32.55 -15.92 1.81
C LYS B 202 -33.17 -16.85 2.86
N ALA B 203 -32.35 -17.51 3.64
CA ALA B 203 -32.90 -18.33 4.73
C ALA B 203 -33.59 -17.47 5.78
N TYR B 204 -32.94 -16.37 6.17
CA TYR B 204 -33.55 -15.46 7.11
C TYR B 204 -34.76 -14.80 6.52
N LEU B 205 -34.71 -14.52 5.23
CA LEU B 205 -35.83 -13.86 4.57
C LEU B 205 -37.05 -14.81 4.56
N GLU B 206 -36.85 -16.08 4.24
CA GLU B 206 -37.93 -17.04 4.36
C GLU B 206 -38.57 -17.06 5.77
N LEU B 207 -37.75 -16.79 6.81
CA LEU B 207 -38.26 -16.73 8.19
C LEU B 207 -39.00 -15.46 8.49
N GLY B 208 -38.97 -14.49 7.56
CA GLY B 208 -39.49 -13.16 7.83
C GLY B 208 -38.65 -12.41 8.84
N GLU B 209 -37.35 -12.74 8.91
CA GLU B 209 -36.52 -12.19 9.97
C GLU B 209 -35.22 -11.55 9.43
N LEU B 210 -35.27 -11.11 8.19
CA LEU B 210 -34.19 -10.41 7.58
C LEU B 210 -34.50 -8.93 7.55
N HIS B 211 -33.65 -8.15 8.20
CA HIS B 211 -33.91 -6.72 8.40
C HIS B 211 -32.80 -5.94 7.67
N VAL B 212 -33.18 -4.86 6.99
CA VAL B 212 -32.25 -4.12 6.22
C VAL B 212 -32.14 -2.69 6.70
N GLU B 213 -30.91 -2.23 6.90
CA GLU B 213 -30.67 -0.84 7.13
C GLU B 213 -30.21 -0.22 5.84
N LEU B 214 -30.98 0.72 5.35
CA LEU B 214 -30.72 1.36 4.07
C LEU B 214 -29.91 2.59 4.31
N LEU B 215 -28.65 2.53 3.93
CA LEU B 215 -27.70 3.62 4.18
C LEU B 215 -27.89 4.69 3.10
N GLY B 216 -28.49 5.82 3.47
CA GLY B 216 -28.80 6.86 2.49
C GLY B 216 -27.91 8.08 2.59
N ARG B 217 -28.53 9.24 2.80
CA ARG B 217 -27.85 10.51 2.98
C ARG B 217 -26.84 10.40 4.10
N GLY B 218 -25.59 10.82 3.84
CA GLY B 218 -24.60 10.97 4.91
C GLY B 218 -23.71 9.75 5.12
N PHE B 219 -23.98 8.64 4.40
CA PHE B 219 -23.17 7.37 4.50
C PHE B 219 -22.24 7.10 3.33
N ALA B 220 -20.99 6.74 3.64
CA ALA B 220 -20.06 6.23 2.59
C ALA B 220 -19.87 4.75 2.67
N TRP B 221 -19.69 4.13 1.50
CA TRP B 221 -19.26 2.76 1.40
C TRP B 221 -18.36 2.61 0.22
N LEU B 222 -17.11 2.24 0.46
CA LEU B 222 -16.12 2.48 -0.55
C LEU B 222 -15.69 1.21 -1.27
N ASP B 223 -15.41 1.35 -2.57
CA ASP B 223 -15.00 0.23 -3.42
C ASP B 223 -13.46 0.11 -3.32
N THR B 224 -12.97 -1.05 -2.93
CA THR B 224 -11.51 -1.32 -2.90
C THR B 224 -11.09 -2.36 -3.96
N GLY B 225 -11.92 -2.55 -4.97
CA GLY B 225 -11.68 -3.60 -5.99
C GLY B 225 -10.54 -3.30 -6.97
N THR B 226 -10.37 -2.02 -7.32
CA THR B 226 -9.48 -1.62 -8.42
C THR B 226 -8.43 -0.61 -7.96
N HIS B 227 -7.36 -0.48 -8.73
CA HIS B 227 -6.34 0.50 -8.43
C HIS B 227 -6.99 1.87 -8.28
N GLU B 228 -7.92 2.17 -9.19
CA GLU B 228 -8.56 3.48 -9.19
C GLU B 228 -9.40 3.70 -7.89
N SER B 229 -10.12 2.68 -7.48
CA SER B 229 -11.08 2.78 -6.43
C SER B 229 -10.36 2.64 -5.05
N LEU B 230 -9.26 1.92 -5.03
CA LEU B 230 -8.39 1.95 -3.85
C LEU B 230 -7.87 3.40 -3.59
N LEU B 231 -7.49 4.09 -4.64
CA LEU B 231 -6.96 5.46 -4.52
C LEU B 231 -8.05 6.44 -4.01
N GLN B 232 -9.18 6.43 -4.70
CA GLN B 232 -10.43 7.07 -4.25
C GLN B 232 -10.71 6.89 -2.76
N ALA B 233 -10.70 5.65 -2.33
CA ALA B 233 -10.90 5.34 -0.89
C ALA B 233 -9.87 6.10 -0.07
N SER B 234 -8.60 6.01 -0.51
CA SER B 234 -7.53 6.64 0.25
C SER B 234 -7.73 8.14 0.30
N GLN B 235 -8.14 8.73 -0.83
CA GLN B 235 -8.33 10.19 -0.93
C GLN B 235 -9.48 10.59 -0.05
N PHE B 236 -10.53 9.76 -0.04
CA PHE B 236 -11.68 10.08 0.79
C PHE B 236 -11.27 10.16 2.28
N ILE B 237 -10.58 9.15 2.76
CA ILE B 237 -10.21 9.13 4.19
C ILE B 237 -9.35 10.32 4.49
N GLU B 238 -8.39 10.60 3.62
CA GLU B 238 -7.47 11.72 3.89
C GLU B 238 -8.25 13.03 3.97
N THR B 239 -9.17 13.20 3.04
CA THR B 239 -9.93 14.39 2.93
C THR B 239 -10.78 14.61 4.19
N ILE B 240 -11.53 13.59 4.56
CA ILE B 240 -12.37 13.68 5.71
C ILE B 240 -11.59 13.82 7.00
N GLU B 241 -10.45 13.16 7.09
CA GLU B 241 -9.58 13.32 8.27
C GLU B 241 -8.91 14.74 8.33
N LYS B 242 -8.43 15.24 7.19
CA LYS B 242 -7.76 16.54 7.14
C LYS B 242 -8.75 17.68 7.37
N ARG B 243 -9.85 17.68 6.62
CA ARG B 243 -10.81 18.79 6.64
C ARG B 243 -11.73 18.80 7.86
N GLN B 244 -11.98 17.62 8.46
CA GLN B 244 -12.94 17.51 9.55
C GLN B 244 -12.32 17.08 10.89
N SER B 245 -11.00 17.13 10.95
CA SER B 245 -10.23 16.81 12.16
C SER B 245 -10.78 15.60 12.94
N LEU B 246 -10.88 14.49 12.26
CA LEU B 246 -11.15 13.25 12.91
C LEU B 246 -10.31 12.21 12.27
N LYS B 247 -10.42 10.98 12.76
CA LYS B 247 -9.65 9.90 12.25
C LYS B 247 -10.64 8.75 11.98
N VAL B 248 -10.53 8.15 10.81
CA VAL B 248 -11.39 7.04 10.50
C VAL B 248 -10.63 5.74 10.79
N ALA B 249 -11.25 4.91 11.63
CA ALA B 249 -10.73 3.57 11.96
C ALA B 249 -9.42 3.62 12.67
N CYS B 250 -9.18 4.68 13.43
CA CYS B 250 -8.01 4.70 14.27
C CYS B 250 -8.27 3.79 15.50
N LEU B 251 -7.74 2.58 15.45
CA LEU B 251 -8.21 1.48 16.37
C LEU B 251 -7.91 1.88 17.83
N GLU B 252 -6.72 2.45 18.04
CA GLU B 252 -6.32 2.85 19.39
C GLU B 252 -7.26 3.89 19.94
N GLU B 253 -7.66 4.84 19.10
CA GLU B 253 -8.64 5.88 19.52
C GLU B 253 -9.97 5.24 19.92
N ILE B 254 -10.41 4.28 19.13
CA ILE B 254 -11.71 3.66 19.34
C ILE B 254 -11.65 2.84 20.64
N ALA B 255 -10.56 2.15 20.87
CA ALA B 255 -10.44 1.36 22.10
C ALA B 255 -10.58 2.29 23.31
N TYR B 256 -9.90 3.42 23.23
CA TYR B 256 -9.87 4.36 24.30
C TYR B 256 -11.24 4.98 24.54
N ARG B 257 -11.89 5.45 23.47
CA ARG B 257 -13.19 6.11 23.57
C ARG B 257 -14.31 5.18 24.07
N MET B 258 -14.21 3.90 23.76
CA MET B 258 -15.21 2.95 24.24
C MET B 258 -14.88 2.41 25.63
N GLY B 259 -13.78 2.89 26.21
CA GLY B 259 -13.46 2.60 27.62
C GLY B 259 -12.71 1.31 27.84
N TYR B 260 -12.20 0.70 26.75
CA TYR B 260 -11.47 -0.59 26.85
C TYR B 260 -10.08 -0.47 27.46
N ILE B 261 -9.43 0.66 27.19
CA ILE B 261 -8.10 0.89 27.67
C ILE B 261 -8.04 2.25 28.34
N SER B 262 -7.06 2.41 29.20
CA SER B 262 -6.98 3.55 30.04
C SER B 262 -6.17 4.59 29.35
N ARG B 263 -6.14 5.78 29.93
CA ARG B 263 -5.26 6.88 29.49
C ARG B 263 -3.80 6.46 29.41
N GLU B 264 -3.31 5.85 30.49
CA GLU B 264 -1.94 5.40 30.54
C GLU B 264 -1.65 4.33 29.46
N GLN B 265 -2.62 3.45 29.19
CA GLN B 265 -2.38 2.43 28.16
C GLN B 265 -2.31 3.09 26.78
N LEU B 266 -3.17 4.07 26.55
CA LEU B 266 -3.14 4.83 25.32
C LEU B 266 -1.76 5.57 25.12
N ILE B 267 -1.31 6.28 26.15
CA ILE B 267 0.00 6.92 26.11
C ILE B 267 1.10 5.93 25.71
N LYS B 268 1.10 4.73 26.29
CA LYS B 268 1.99 3.64 25.82
C LYS B 268 1.79 3.18 24.36
N LEU B 269 0.55 3.09 23.90
CA LEU B 269 0.32 2.77 22.51
C LEU B 269 0.91 3.86 21.62
N ALA B 270 0.56 5.11 21.93
CA ALA B 270 1.28 6.24 21.39
C ALA B 270 2.60 6.24 22.11
N GLU B 271 3.57 6.97 21.55
CA GLU B 271 4.94 6.97 22.05
C GLU B 271 5.84 6.43 20.96
N PRO B 272 5.95 5.09 20.83
CA PRO B 272 6.62 4.68 19.59
C PRO B 272 5.71 4.78 18.37
N LEU B 273 5.01 5.92 18.25
CA LEU B 273 4.37 6.33 16.99
C LEU B 273 4.43 7.85 16.84
N MET B 274 5.25 8.48 17.68
CA MET B 274 5.25 9.95 17.79
C MET B 274 5.87 10.63 16.55
N LYS B 275 6.51 9.82 15.70
CA LYS B 275 7.23 10.34 14.56
C LYS B 275 6.28 10.75 13.45
N ASN B 276 4.99 10.43 13.62
CA ASN B 276 4.03 10.86 12.64
C ASN B 276 2.72 11.46 13.13
N GLU B 277 1.95 11.93 12.15
CA GLU B 277 0.59 12.36 12.27
C GLU B 277 -0.38 11.38 13.11
N TYR B 278 -0.21 10.08 12.91
CA TYR B 278 -0.97 9.04 13.68
C TYR B 278 -0.72 9.10 15.24
N GLY B 279 0.49 8.80 15.67
CA GLY B 279 0.83 8.89 17.11
C GLY B 279 0.43 10.24 17.72
N GLN B 280 0.80 11.31 17.03
CA GLN B 280 0.52 12.67 17.48
C GLN B 280 -0.94 12.84 17.85
N TYR B 281 -1.82 12.33 16.99
CA TYR B 281 -3.25 12.46 17.21
C TYR B 281 -3.64 11.69 18.49
N LEU B 282 -2.87 10.64 18.78
CA LEU B 282 -3.20 9.75 19.89
C LEU B 282 -2.76 10.40 21.22
N MET B 283 -1.56 10.99 21.20
CA MET B 283 -1.04 11.72 22.37
C MET B 283 -1.90 12.94 22.72
N ASN B 284 -2.31 13.71 21.73
CA ASN B 284 -3.20 14.85 21.97
C ASN B 284 -4.62 14.41 22.36
N LEU B 285 -4.95 13.16 22.02
CA LEU B 285 -6.19 12.56 22.49
C LEU B 285 -6.11 12.18 23.99
N ALA B 286 -4.98 11.61 24.39
CA ALA B 286 -4.80 11.07 25.74
C ALA B 286 -4.80 12.16 26.82
N HIS B 287 -4.71 13.43 26.42
CA HIS B 287 -4.89 14.54 27.34
C HIS B 287 -6.20 15.35 27.06
N ARG B 288 -7.27 15.02 27.79
CA ARG B 288 -8.57 15.73 27.66
C ARG B 288 -8.79 16.76 28.77
C1' UD1 C . 18.99 11.29 2.05
C2' UD1 C . 20.36 11.96 1.84
C3' UD1 C . 20.17 13.36 1.27
C4' UD1 C . 19.33 13.30 0.01
C5' UD1 C . 18.05 12.48 0.19
C6' UD1 C . 17.32 12.28 -1.16
C7' UD1 C . 21.64 11.24 3.84
C8' UD1 C . 21.82 9.93 3.16
N2' UD1 C . 20.94 12.17 3.16
O1' UD1 C . 18.20 12.11 2.96
O3' UD1 C . 21.45 13.92 0.96
O4' UD1 C . 18.98 14.61 -0.37
O5' UD1 C . 18.37 11.20 0.77
O6' UD1 C . 16.20 11.36 -1.03
O7' UD1 C . 22.10 11.45 4.96
N1 UD1 C . 18.50 4.10 3.76
C2 UD1 C . 18.94 2.85 3.62
N3 UD1 C . 20.08 2.44 4.18
C4 UD1 C . 20.82 3.29 4.92
C5 UD1 C . 20.37 4.61 5.11
C6 UD1 C . 19.15 4.98 4.53
O2 UD1 C . 18.20 1.98 2.89
O4 UD1 C . 22.00 2.88 5.47
C1B UD1 C . 17.21 4.41 3.15
C2B UD1 C . 16.20 4.92 4.16
O2' UD1 C . 15.33 3.83 4.49
C3B UD1 C . 15.47 5.99 3.41
C4B UD1 C . 16.53 6.56 2.50
O4B UD1 C . 17.30 5.41 2.11
O3B UD1 C . 14.51 5.38 2.52
C5B UD1 C . 17.50 7.51 3.20
O5B UD1 C . 17.22 8.71 2.69
PA UD1 C . 16.80 8.82 4.39
O1A UD1 C . 17.33 8.00 5.73
O2A UD1 C . 15.13 8.96 4.47
O3A UD1 C . 17.54 10.33 4.71
PB UD1 C . 17.00 11.61 3.94
O1B UD1 C . 15.82 11.17 3.10
O2B UD1 C . 16.81 12.72 4.96
S SO4 D . 14.07 -15.15 -12.99
O1 SO4 D . 12.71 -14.57 -12.97
O2 SO4 D . 15.04 -14.25 -13.65
O3 SO4 D . 14.46 -15.42 -11.61
O4 SO4 D . 14.03 -16.40 -13.73
S SO4 E . 33.37 10.78 -20.67
O1 SO4 E . 32.88 11.98 -21.35
O2 SO4 E . 34.82 10.65 -20.85
O3 SO4 E . 33.10 10.91 -19.22
O4 SO4 E . 32.69 9.60 -21.23
C1' UD1 F . -19.60 -10.02 -2.44
C2' UD1 F . -20.99 -10.67 -2.29
C3' UD1 F . -22.03 -9.64 -2.68
C4' UD1 F . -21.83 -8.34 -1.89
C5' UD1 F . -20.36 -7.86 -1.89
C6' UD1 F . -20.09 -6.67 -0.95
C7' UD1 F . -20.64 -12.98 -3.11
C8' UD1 F . -20.21 -13.35 -1.73
N2' UD1 F . -21.02 -11.71 -3.31
O1' UD1 F . -19.49 -9.48 -3.77
O3' UD1 F . -23.35 -10.14 -2.42
O4' UD1 F . -22.66 -7.34 -2.46
O5' UD1 F . -19.51 -8.94 -1.51
O6' UD1 F . -18.67 -6.36 -0.89
O7' UD1 F . -20.66 -13.82 -4.01
N1 UD1 F . -13.58 -13.58 -0.11
C2 UD1 F . -12.95 -14.39 0.75
N3 UD1 F . -13.25 -15.71 0.82
C4 UD1 F . -14.18 -16.23 -0.02
C5 UD1 F . -14.83 -15.42 -0.94
C6 UD1 F . -14.49 -14.07 -0.98
O2 UD1 F . -12.03 -13.88 1.60
O4 UD1 F . -14.47 -17.55 0.00
C1B UD1 F . -13.24 -12.15 -0.13
C2B UD1 F . -12.53 -11.80 -1.44
O2' UD1 F . -11.11 -11.87 -1.31
C3B UD1 F . -13.02 -10.39 -1.70
C4B UD1 F . -14.47 -10.54 -1.34
O4B UD1 F . -14.42 -11.31 -0.12
O3B UD1 F . -12.41 -9.47 -0.76
C5B UD1 F . -15.10 -11.48 -2.36
O5B UD1 F . -16.39 -11.20 -2.39
PA UD1 F . -15.74 -10.64 -3.92
O1A UD1 F . -15.80 -11.80 -5.12
O2A UD1 F . -14.49 -9.56 -4.19
O3A UD1 F . -17.03 -9.52 -4.16
PB UD1 F . -18.39 -10.03 -4.81
O1B UD1 F . -18.57 -9.30 -6.13
O2B UD1 F . -18.43 -11.56 -4.78
S SO4 G . -1.53 -9.97 22.53
O1 SO4 G . -2.88 -9.43 22.72
O2 SO4 G . -1.03 -9.70 21.19
O3 SO4 G . -0.61 -9.36 23.48
O4 SO4 G . -1.57 -11.42 22.77
S SO4 H . -34.56 -8.64 19.67
O1 SO4 H . -35.56 -7.58 19.55
O2 SO4 H . -34.05 -8.97 18.33
O3 SO4 H . -33.47 -8.18 20.54
O4 SO4 H . -35.17 -9.86 20.24
#